data_2WUF
#
_entry.id   2WUF
#
_cell.length_a   111.883
_cell.length_b   117.971
_cell.length_c   180.893
_cell.angle_alpha   90.00
_cell.angle_beta   90.00
_cell.angle_gamma   90.00
#
_symmetry.space_group_name_H-M   'F 2 2 2'
#
loop_
_entity.id
_entity.type
_entity.pdbx_description
1 polymer '2-HYDROXY-6-OXO-6-PHENYLHEXA-2,4-DIENOATE HYDROLASE BPHD'
2 non-polymer GLYCEROL
3 non-polymer 'THIOCYANATE ION'
4 non-polymer (3E,5R)-8-[(1S,3AR,4R,7AS)-1-HYDROXY-7A-METHYL-5-OXOOCTAHYDRO-1H-INDEN-4-YL]-5-METHYL-2,6-DIOXOOCT-3-ENOATE
5 water water
#
_entity_poly.entity_id   1
_entity_poly.type   'polypeptide(L)'
_entity_poly.pdbx_seq_one_letter_code
;MTATEELTFESTSRFAEVDVDGPLKLHYHEAGVGNDQTVVLLHGGGPGAASWTNFSRNIAVLARHFHVLAVDQPGYGHSD
KRAEHGQFNRYAAMALKGLFDQLGLGRVPLVGNALGGGTAVRFALDYPARAGRLVLMGPGGLSINLFAPDPTEGVKRLSK
FSVAPTRENLEAFLRVMVYDKNLITPELVDQRFALASTPESLTATRAMGKSFAGADFEAGMMWREVYRLRQPVLLIWGRE
DRVNPLDGALVALKTIPRAQLHVFGQCGHWVQVEKFDEFNKLTIEFLGGGR
;
_entity_poly.pdbx_strand_id   A,B
#
loop_
_chem_comp.id
_chem_comp.type
_chem_comp.name
_chem_comp.formula
GOL non-polymer GLYCEROL 'C3 H8 O3'
KEM non-polymer (3E,5R)-8-[(1S,3AR,4R,7AS)-1-HYDROXY-7A-METHYL-5-OXOOCTAHYDRO-1H-INDEN-4-YL]-5-METHYL-2,6-DIOXOOCT-3-ENOATE 'C19 H25 O6 -1'
SCN non-polymer 'THIOCYANATE ION' 'C N S -1'
#
# COMPACT_ATOMS: atom_id res chain seq x y z
N LEU A 7 -3.81 -1.16 -19.21
CA LEU A 7 -2.79 -0.11 -19.21
C LEU A 7 -1.74 -0.38 -18.12
N THR A 8 -0.49 -0.46 -18.51
CA THR A 8 0.57 -0.73 -17.56
C THR A 8 1.62 0.37 -17.56
N PHE A 9 2.55 0.33 -16.61
CA PHE A 9 3.63 1.27 -16.56
C PHE A 9 4.41 1.10 -17.82
N GLU A 10 4.60 -0.13 -18.27
CA GLU A 10 5.39 -0.40 -19.45
C GLU A 10 4.71 -0.09 -20.78
N SER A 11 3.42 -0.37 -20.90
CA SER A 11 2.77 -0.08 -22.14
C SER A 11 2.68 1.41 -22.39
N THR A 12 2.69 2.19 -21.31
CA THR A 12 2.52 3.63 -21.42
C THR A 12 3.80 4.47 -21.45
N SER A 13 4.94 3.85 -21.14
CA SER A 13 6.20 4.58 -20.97
C SER A 13 6.66 5.24 -22.27
N ARG A 14 7.12 6.49 -22.16
CA ARG A 14 7.63 7.24 -23.30
C ARG A 14 8.78 8.12 -22.88
N PHE A 15 9.72 8.37 -23.79
CA PHE A 15 10.83 9.28 -23.51
C PHE A 15 10.93 10.34 -24.60
N ALA A 16 11.37 11.54 -24.21
CA ALA A 16 11.55 12.64 -25.13
C ALA A 16 12.76 13.46 -24.71
N GLU A 17 13.51 13.97 -25.68
CA GLU A 17 14.63 14.84 -25.37
C GLU A 17 14.31 16.27 -25.80
N VAL A 18 14.38 17.20 -24.86
CA VAL A 18 14.04 18.59 -25.13
C VAL A 18 15.19 19.50 -24.77
N ASP A 19 15.13 20.76 -25.15
CA ASP A 19 16.21 21.69 -24.87
C ASP A 19 15.88 22.65 -23.73
N VAL A 20 16.61 22.51 -22.62
CA VAL A 20 16.57 23.49 -21.55
C VAL A 20 17.99 23.77 -21.07
N ASP A 21 18.59 24.81 -21.62
CA ASP A 21 20.02 25.07 -21.44
C ASP A 21 20.80 23.80 -21.79
N GLY A 22 20.28 23.06 -22.76
CA GLY A 22 20.94 21.84 -23.22
C GLY A 22 20.00 20.67 -23.13
N PRO A 23 20.41 19.53 -23.69
CA PRO A 23 19.57 18.34 -23.69
C PRO A 23 19.04 17.97 -22.31
N LEU A 24 17.76 17.60 -22.25
CA LEU A 24 17.10 17.22 -21.01
C LEU A 24 16.10 16.11 -21.30
N LYS A 25 16.28 14.98 -20.66
CA LYS A 25 15.42 13.81 -20.88
C LYS A 25 14.17 13.86 -20.00
N LEU A 26 13.02 13.68 -20.61
CA LEU A 26 11.75 13.67 -19.87
C LEU A 26 11.04 12.37 -20.10
N HIS A 27 10.61 11.73 -19.02
CA HIS A 27 9.85 10.49 -19.11
C HIS A 27 8.39 10.79 -18.86
N TYR A 28 7.52 10.12 -19.60
CA TYR A 28 6.07 10.31 -19.44
C TYR A 28 5.27 9.08 -19.79
N HIS A 29 4.04 9.07 -19.37
CA HIS A 29 3.12 7.99 -19.68
C HIS A 29 2.05 8.52 -20.60
N GLU A 30 1.74 7.76 -21.64
CA GLU A 30 0.73 8.17 -22.61
C GLU A 30 -0.40 7.15 -22.64
N ALA A 31 -1.64 7.62 -22.67
CA ALA A 31 -2.81 6.78 -22.74
C ALA A 31 -3.96 7.46 -23.48
N GLY A 32 -4.96 6.71 -23.84
CA GLY A 32 -6.10 7.27 -24.53
C GLY A 32 -5.85 7.84 -25.89
N VAL A 33 -4.87 7.30 -26.60
CA VAL A 33 -4.52 7.79 -27.90
C VAL A 33 -5.73 7.61 -28.82
N GLY A 34 -5.98 8.57 -29.66
CA GLY A 34 -7.21 8.54 -30.44
C GLY A 34 -8.39 9.32 -29.88
N ASN A 35 -8.28 9.74 -28.63
CA ASN A 35 -9.25 10.67 -28.09
C ASN A 35 -8.77 12.04 -28.53
N ASP A 36 -9.72 12.87 -28.86
CA ASP A 36 -9.48 14.17 -29.45
C ASP A 36 -8.80 15.21 -28.59
N GLN A 37 -9.12 15.28 -27.32
CA GLN A 37 -8.59 16.32 -26.49
C GLN A 37 -7.45 15.84 -25.59
N THR A 38 -6.29 16.48 -25.68
CA THR A 38 -5.13 16.10 -24.90
C THR A 38 -5.17 16.79 -23.50
N VAL A 39 -4.83 16.11 -22.47
N VAL A 39 -4.76 16.04 -22.44
CA VAL A 39 -4.70 16.67 -21.13
CA VAL A 39 -4.63 16.61 -21.11
C VAL A 39 -3.36 16.27 -20.55
C VAL A 39 -3.30 16.21 -20.52
N VAL A 40 -2.64 17.21 -19.98
CA VAL A 40 -1.33 16.93 -19.32
C VAL A 40 -1.49 16.86 -17.79
N LEU A 41 -0.89 15.83 -17.17
CA LEU A 41 -0.92 15.64 -15.73
C LEU A 41 0.46 15.88 -15.16
N LEU A 42 0.55 16.72 -14.13
CA LEU A 42 1.79 17.02 -13.46
C LEU A 42 1.72 16.66 -11.98
N HIS A 43 2.49 15.67 -11.57
CA HIS A 43 2.43 15.09 -10.23
C HIS A 43 2.99 15.94 -9.10
N GLY A 44 2.85 15.43 -7.88
CA GLY A 44 3.30 16.06 -6.68
C GLY A 44 4.81 15.99 -6.44
N GLY A 45 5.26 16.63 -5.37
CA GLY A 45 6.70 16.78 -5.12
C GLY A 45 7.42 15.96 -4.06
N GLY A 46 6.80 14.89 -3.57
CA GLY A 46 7.49 14.00 -2.62
C GLY A 46 8.73 13.45 -3.26
N PRO A 47 9.77 13.15 -2.47
CA PRO A 47 11.05 12.71 -3.04
C PRO A 47 10.98 11.45 -3.90
N GLY A 48 10.13 10.50 -3.56
CA GLY A 48 9.99 9.29 -4.34
C GLY A 48 8.73 9.27 -5.18
N ALA A 49 8.20 10.45 -5.46
CA ALA A 49 6.98 10.60 -6.24
C ALA A 49 7.24 10.56 -7.73
N ALA A 50 6.27 10.06 -8.47
CA ALA A 50 6.37 9.99 -9.93
C ALA A 50 4.97 10.01 -10.51
N SER A 51 4.89 10.09 -11.84
CA SER A 51 3.59 10.19 -12.49
C SER A 51 2.73 8.97 -12.19
N TRP A 52 3.28 7.80 -12.48
CA TRP A 52 2.58 6.57 -12.39
C TRP A 52 2.11 6.23 -10.98
N THR A 53 2.87 6.59 -9.97
CA THR A 53 2.41 6.35 -8.60
C THR A 53 1.39 7.40 -8.20
N ASN A 54 1.70 8.66 -8.46
CA ASN A 54 0.79 9.74 -8.14
C ASN A 54 -0.61 9.56 -8.71
N PHE A 55 -0.70 9.16 -9.95
CA PHE A 55 -1.98 9.11 -10.65
C PHE A 55 -2.52 7.71 -11.05
N SER A 56 -2.25 6.67 -10.26
CA SER A 56 -2.74 5.34 -10.65
C SER A 56 -4.25 5.19 -10.58
N ARG A 57 -4.87 5.84 -9.60
N ARG A 57 -4.88 5.84 -9.61
CA ARG A 57 -6.32 5.76 -9.46
CA ARG A 57 -6.32 5.76 -9.47
C ARG A 57 -6.99 6.73 -10.42
C ARG A 57 -7.00 6.72 -10.43
N ASN A 58 -6.22 7.32 -11.32
CA ASN A 58 -6.72 8.39 -12.19
C ASN A 58 -6.42 8.23 -13.69
N ILE A 59 -5.18 7.93 -14.05
CA ILE A 59 -4.81 7.83 -15.47
C ILE A 59 -5.73 6.94 -16.32
N ALA A 60 -6.05 5.74 -15.85
CA ALA A 60 -6.87 4.81 -16.59
C ALA A 60 -8.30 5.31 -16.76
N VAL A 61 -8.80 6.03 -15.75
CA VAL A 61 -10.12 6.61 -15.82
C VAL A 61 -10.19 7.79 -16.76
N LEU A 62 -9.23 8.72 -16.66
CA LEU A 62 -9.24 9.89 -17.53
C LEU A 62 -8.99 9.47 -18.98
N ALA A 63 -8.32 8.33 -19.16
CA ALA A 63 -7.99 7.86 -20.50
C ALA A 63 -9.21 7.36 -21.29
N ARG A 64 -10.31 7.12 -20.60
CA ARG A 64 -11.54 6.75 -21.27
C ARG A 64 -12.08 7.96 -22.01
N HIS A 65 -11.75 9.15 -21.52
CA HIS A 65 -12.26 10.39 -22.09
C HIS A 65 -11.23 11.24 -22.82
N PHE A 66 -9.96 11.17 -22.39
CA PHE A 66 -8.96 12.10 -22.90
C PHE A 66 -7.70 11.38 -23.41
N HIS A 67 -6.89 12.13 -24.13
CA HIS A 67 -5.54 11.71 -24.49
C HIS A 67 -4.63 12.21 -23.38
N VAL A 68 -4.22 11.30 -22.51
CA VAL A 68 -3.50 11.65 -21.29
C VAL A 68 -1.98 11.60 -21.47
N LEU A 69 -1.31 12.69 -21.14
CA LEU A 69 0.14 12.73 -21.07
C LEU A 69 0.50 13.06 -19.62
N ALA A 70 0.94 12.04 -18.88
CA ALA A 70 1.38 12.23 -17.50
C ALA A 70 2.89 12.31 -17.47
N VAL A 71 3.41 13.51 -17.23
CA VAL A 71 4.83 13.77 -17.35
C VAL A 71 5.58 13.75 -16.01
N ASP A 72 6.70 13.01 -15.99
CA ASP A 72 7.57 13.00 -14.85
C ASP A 72 8.35 14.31 -14.93
N GLN A 73 8.20 15.16 -13.90
CA GLN A 73 8.88 16.45 -13.90
C GLN A 73 10.38 16.32 -13.63
N PRO A 74 11.16 17.26 -14.11
CA PRO A 74 12.61 17.17 -13.96
C PRO A 74 12.95 16.97 -12.51
N GLY A 75 13.79 15.98 -12.22
CA GLY A 75 14.20 15.70 -10.88
C GLY A 75 13.40 14.58 -10.23
N TYR A 76 12.45 14.03 -10.97
CA TYR A 76 11.59 12.97 -10.44
C TYR A 76 11.40 11.83 -11.41
N GLY A 77 10.96 10.69 -10.87
CA GLY A 77 10.71 9.51 -11.69
C GLY A 77 11.87 9.10 -12.56
N HIS A 78 11.63 9.01 -13.85
CA HIS A 78 12.68 8.64 -14.81
C HIS A 78 13.12 9.78 -15.71
N SER A 79 12.79 11.01 -15.30
CA SER A 79 13.25 12.18 -16.03
C SER A 79 14.61 12.56 -15.49
N ASP A 80 15.40 13.32 -16.25
CA ASP A 80 16.72 13.73 -15.82
C ASP A 80 16.66 14.37 -14.46
N LYS A 81 17.65 14.11 -13.63
CA LYS A 81 17.72 14.72 -12.30
C LYS A 81 19.00 15.55 -12.18
N ARG A 82 18.94 16.78 -12.67
CA ARG A 82 20.09 17.69 -12.65
C ARG A 82 20.39 18.16 -11.23
N ALA A 83 21.65 18.42 -10.96
CA ALA A 83 22.10 18.88 -9.70
C ALA A 83 21.96 20.34 -9.51
N GLU A 84 21.53 21.04 -10.56
CA GLU A 84 21.51 22.50 -10.58
C GLU A 84 20.48 23.02 -11.58
N HIS A 85 19.74 24.05 -11.17
CA HIS A 85 18.66 24.67 -11.96
C HIS A 85 18.17 25.95 -11.27
N GLY A 86 17.51 26.80 -11.99
CA GLY A 86 16.91 28.01 -11.44
C GLY A 86 15.63 27.69 -10.69
N GLN A 87 14.86 28.71 -10.34
CA GLN A 87 13.59 28.49 -9.64
C GLN A 87 12.90 27.26 -10.25
N PHE A 88 12.56 26.28 -9.42
CA PHE A 88 12.11 24.98 -9.95
C PHE A 88 10.93 25.02 -10.90
N ASN A 89 9.90 25.79 -10.56
CA ASN A 89 8.69 25.80 -11.36
C ASN A 89 8.95 26.42 -12.75
N ARG A 90 9.78 27.45 -12.78
CA ARG A 90 10.17 28.10 -14.04
C ARG A 90 11.02 27.13 -14.91
N TYR A 91 11.85 26.34 -14.24
CA TYR A 91 12.70 25.33 -14.88
C TYR A 91 11.86 24.21 -15.47
N ALA A 92 10.96 23.64 -14.67
CA ALA A 92 10.07 22.60 -15.14
C ALA A 92 9.15 23.12 -16.22
N ALA A 93 8.79 24.40 -16.15
CA ALA A 93 7.94 25.01 -17.17
C ALA A 93 8.63 25.05 -18.54
N MET A 94 9.91 25.40 -18.51
CA MET A 94 10.73 25.45 -19.73
C MET A 94 10.79 24.07 -20.38
N ALA A 95 10.91 23.03 -19.57
CA ALA A 95 10.91 21.66 -20.08
C ALA A 95 9.58 21.26 -20.68
N LEU A 96 8.49 21.74 -20.09
CA LEU A 96 7.18 21.40 -20.62
C LEU A 96 6.98 22.10 -21.95
N LYS A 97 7.50 23.31 -22.06
CA LYS A 97 7.38 24.07 -23.30
C LYS A 97 8.10 23.30 -24.42
N GLY A 98 9.30 22.83 -24.10
CA GLY A 98 10.05 22.00 -25.04
C GLY A 98 9.27 20.79 -25.48
N LEU A 99 8.58 20.14 -24.54
CA LEU A 99 7.78 18.98 -24.85
C LEU A 99 6.58 19.29 -25.74
N PHE A 100 5.88 20.39 -25.40
CA PHE A 100 4.75 20.84 -26.16
C PHE A 100 5.16 21.07 -27.62
N ASP A 101 6.25 21.78 -27.81
CA ASP A 101 6.75 22.08 -29.15
C ASP A 101 7.09 20.82 -29.97
N GLN A 102 7.71 19.85 -29.34
CA GLN A 102 8.11 18.61 -29.98
C GLN A 102 7.01 17.63 -30.24
N LEU A 103 5.99 17.62 -29.42
CA LEU A 103 4.88 16.74 -29.70
C LEU A 103 3.80 17.39 -30.56
N GLY A 104 3.96 18.68 -30.84
CA GLY A 104 3.04 19.41 -31.68
C GLY A 104 1.75 19.81 -30.99
N LEU A 105 1.86 20.15 -29.71
CA LEU A 105 0.68 20.57 -28.94
C LEU A 105 0.50 22.07 -29.02
N GLY A 106 -0.74 22.51 -29.04
CA GLY A 106 -1.04 23.93 -29.11
C GLY A 106 -1.39 24.52 -27.76
N ARG A 107 -2.68 24.54 -27.47
CA ARG A 107 -3.23 25.02 -26.18
C ARG A 107 -3.89 23.84 -25.49
N VAL A 108 -3.28 23.37 -24.42
CA VAL A 108 -3.76 22.18 -23.73
C VAL A 108 -4.07 22.44 -22.25
N PRO A 109 -5.09 21.75 -21.75
CA PRO A 109 -5.44 21.90 -20.34
C PRO A 109 -4.43 21.17 -19.48
N LEU A 110 -4.21 21.65 -18.25
CA LEU A 110 -3.24 21.07 -17.37
C LEU A 110 -3.84 20.70 -16.04
N VAL A 111 -3.48 19.52 -15.53
CA VAL A 111 -3.93 19.04 -14.22
C VAL A 111 -2.69 18.81 -13.36
N GLY A 112 -2.57 19.55 -12.25
CA GLY A 112 -1.36 19.44 -11.46
C GLY A 112 -1.58 19.53 -9.98
N ASN A 113 -0.94 18.65 -9.22
CA ASN A 113 -1.08 18.72 -7.75
C ASN A 113 0.20 19.17 -7.07
N ALA A 114 0.05 19.91 -5.97
CA ALA A 114 1.20 20.35 -5.17
C ALA A 114 2.25 21.04 -6.04
N LEU A 115 3.51 20.56 -5.98
CA LEU A 115 4.57 21.16 -6.77
C LEU A 115 4.15 21.21 -8.24
N GLY A 116 3.50 20.19 -8.75
CA GLY A 116 3.06 20.16 -10.13
C GLY A 116 2.04 21.22 -10.47
N GLY A 117 1.29 21.65 -9.46
CA GLY A 117 0.34 22.73 -9.66
C GLY A 117 1.06 24.03 -9.87
N GLY A 118 2.14 24.23 -9.14
CA GLY A 118 2.95 25.43 -9.29
C GLY A 118 3.58 25.52 -10.68
N THR A 119 3.94 24.36 -11.21
CA THR A 119 4.52 24.27 -12.55
C THR A 119 3.47 24.56 -13.61
N ALA A 120 2.26 24.01 -13.41
CA ALA A 120 1.16 24.30 -14.34
C ALA A 120 0.92 25.79 -14.42
N VAL A 121 0.80 26.43 -13.27
CA VAL A 121 0.57 27.87 -13.19
C VAL A 121 1.71 28.67 -13.79
N ARG A 122 2.93 28.34 -13.41
CA ARG A 122 4.10 29.06 -13.95
C ARG A 122 4.17 28.94 -15.47
N PHE A 123 3.72 27.79 -15.99
CA PHE A 123 3.66 27.56 -17.41
C PHE A 123 2.58 28.42 -18.01
N ALA A 124 1.41 28.47 -17.37
CA ALA A 124 0.32 29.24 -17.83
C ALA A 124 0.62 30.75 -17.84
N LEU A 125 1.52 31.17 -16.98
CA LEU A 125 1.89 32.58 -16.90
C LEU A 125 3.02 32.90 -17.87
N ASP A 126 4.01 32.00 -17.97
CA ASP A 126 5.17 32.22 -18.80
C ASP A 126 4.88 32.00 -20.30
N TYR A 127 3.95 31.12 -20.62
CA TYR A 127 3.57 30.82 -22.00
C TYR A 127 2.06 30.84 -22.09
N PRO A 128 1.50 32.04 -21.91
CA PRO A 128 0.05 32.26 -21.79
C PRO A 128 -0.78 31.61 -22.87
N ALA A 129 -0.27 31.59 -24.10
CA ALA A 129 -1.00 30.99 -25.19
C ALA A 129 -0.96 29.46 -25.07
N ARG A 130 0.05 28.84 -24.48
N ARG A 130 0.05 28.84 -24.48
CA ARG A 130 0.06 27.35 -24.50
CA ARG A 130 0.07 27.35 -24.50
C ARG A 130 -0.84 26.50 -23.53
C ARG A 130 -0.83 26.50 -23.54
N ALA A 131 -1.45 27.15 -22.56
CA ALA A 131 -2.22 26.57 -21.47
C ALA A 131 -3.71 26.85 -21.54
N GLY A 132 -4.51 25.80 -21.50
CA GLY A 132 -5.95 25.94 -21.50
C GLY A 132 -6.45 25.96 -20.05
N ARG A 133 -7.57 25.34 -19.80
CA ARG A 133 -8.12 25.25 -18.45
C ARG A 133 -7.17 24.52 -17.52
N LEU A 134 -7.17 24.93 -16.25
CA LEU A 134 -6.32 24.34 -15.22
C LEU A 134 -7.12 23.72 -14.10
N VAL A 135 -6.77 22.49 -13.69
CA VAL A 135 -7.25 21.88 -12.48
C VAL A 135 -6.05 21.75 -11.56
N LEU A 136 -6.12 22.37 -10.35
CA LEU A 136 -5.00 22.44 -9.45
C LEU A 136 -5.35 21.92 -8.06
N MET A 137 -4.69 20.84 -7.62
CA MET A 137 -5.01 20.24 -6.32
C MET A 137 -3.94 20.59 -5.30
N GLY A 138 -4.36 21.22 -4.18
CA GLY A 138 -3.43 21.72 -3.20
C GLY A 138 -2.13 22.28 -3.79
N PRO A 139 -2.27 23.16 -4.78
CA PRO A 139 -1.16 23.67 -5.54
C PRO A 139 -0.18 24.56 -4.78
N GLY A 140 1.08 24.42 -5.12
CA GLY A 140 2.11 25.30 -4.59
C GLY A 140 2.23 26.49 -5.53
N GLY A 141 3.07 27.46 -5.17
CA GLY A 141 3.29 28.61 -6.04
C GLY A 141 2.22 29.68 -6.00
N LEU A 142 1.02 29.36 -6.44
CA LEU A 142 -0.06 30.34 -6.43
C LEU A 142 -0.68 30.45 -5.03
N SER A 143 -0.23 29.60 -4.12
CA SER A 143 -0.73 29.64 -2.75
C SER A 143 0.16 30.46 -1.83
N ILE A 144 -0.49 31.17 -0.90
CA ILE A 144 0.19 31.89 0.14
C ILE A 144 -0.60 31.68 1.41
N ASN A 145 0.01 31.09 2.41
CA ASN A 145 -0.69 30.67 3.63
C ASN A 145 -0.97 31.84 4.56
N LEU A 146 -2.11 32.49 4.38
CA LEU A 146 -2.42 33.70 5.15
C LEU A 146 -2.44 33.50 6.67
N PHE A 147 -2.73 32.28 7.13
CA PHE A 147 -2.81 32.04 8.59
C PHE A 147 -1.75 31.07 9.13
N ALA A 148 -1.38 30.05 8.36
CA ALA A 148 -0.44 29.03 8.84
C ALA A 148 1.00 29.51 8.82
N PRO A 149 1.72 29.37 9.97
CA PRO A 149 3.14 29.77 9.96
C PRO A 149 3.92 28.89 9.00
N ASP A 150 4.89 29.49 8.30
CA ASP A 150 5.71 28.78 7.30
C ASP A 150 7.11 28.60 7.88
N PRO A 151 7.76 27.47 7.61
CA PRO A 151 7.29 26.35 6.81
C PRO A 151 6.23 25.59 7.58
N THR A 152 5.24 25.08 6.88
CA THR A 152 4.21 24.23 7.48
C THR A 152 4.81 22.92 7.94
N GLU A 153 4.02 22.16 8.66
CA GLU A 153 4.44 20.84 9.14
C GLU A 153 4.88 19.96 7.99
N GLY A 154 4.08 19.90 6.93
CA GLY A 154 4.44 19.09 5.77
C GLY A 154 5.76 19.47 5.12
N VAL A 155 5.99 20.77 4.96
CA VAL A 155 7.24 21.24 4.41
C VAL A 155 8.38 20.93 5.36
N LYS A 156 8.18 21.10 6.66
CA LYS A 156 9.23 20.81 7.62
C LYS A 156 9.65 19.35 7.58
N ARG A 157 8.66 18.49 7.53
CA ARG A 157 8.95 17.07 7.53
C ARG A 157 9.68 16.62 6.26
N LEU A 158 9.46 17.28 5.07
CA LEU A 158 10.23 17.04 3.85
C LEU A 158 11.68 17.50 4.03
N SER A 159 11.87 18.69 4.56
CA SER A 159 13.22 19.20 4.83
C SER A 159 14.02 18.27 5.75
N LYS A 160 13.37 17.69 6.74
CA LYS A 160 14.04 16.79 7.68
C LYS A 160 14.50 15.52 7.02
N PHE A 161 13.66 14.94 6.17
CA PHE A 161 14.08 13.78 5.40
C PHE A 161 15.25 14.08 4.49
N SER A 162 15.24 15.25 3.83
CA SER A 162 16.36 15.64 2.98
C SER A 162 17.66 15.73 3.76
N VAL A 163 17.59 16.23 4.98
CA VAL A 163 18.77 16.36 5.83
C VAL A 163 19.17 15.00 6.38
N ALA A 164 18.17 14.17 6.68
CA ALA A 164 18.41 12.87 7.29
C ALA A 164 17.50 11.80 6.66
N PRO A 165 17.94 11.25 5.50
CA PRO A 165 17.10 10.38 4.68
C PRO A 165 16.91 8.97 5.26
N THR A 166 16.17 8.85 6.33
CA THR A 166 15.88 7.55 6.96
C THR A 166 14.48 7.04 6.71
N ARG A 167 14.26 5.74 6.82
CA ARG A 167 12.89 5.19 6.73
C ARG A 167 11.96 5.83 7.75
N GLU A 168 12.45 6.10 8.94
CA GLU A 168 11.64 6.73 9.99
C GLU A 168 11.18 8.12 9.57
N ASN A 169 12.07 8.95 9.09
CA ASN A 169 11.70 10.29 8.73
C ASN A 169 10.79 10.33 7.49
N LEU A 170 10.95 9.37 6.59
CA LEU A 170 10.09 9.34 5.43
C LEU A 170 8.66 8.95 5.82
N GLU A 171 8.51 7.92 6.67
CA GLU A 171 7.18 7.57 7.19
C GLU A 171 6.50 8.76 7.82
N ALA A 172 7.22 9.53 8.65
CA ALA A 172 6.64 10.73 9.28
C ALA A 172 6.12 11.74 8.26
N PHE A 173 6.87 11.93 7.19
CA PHE A 173 6.49 12.82 6.06
C PHE A 173 5.22 12.30 5.38
N LEU A 174 5.21 11.01 5.05
CA LEU A 174 4.08 10.44 4.34
C LEU A 174 2.79 10.56 5.15
N ARG A 175 2.91 10.46 6.48
N ARG A 175 2.95 10.43 6.47
CA ARG A 175 1.73 10.47 7.35
CA ARG A 175 1.87 10.50 7.45
C ARG A 175 1.02 11.81 7.43
C ARG A 175 1.03 11.77 7.29
N VAL A 176 1.72 12.90 7.08
CA VAL A 176 1.04 14.20 6.99
C VAL A 176 0.62 14.52 5.57
N MET A 177 0.67 13.54 4.67
CA MET A 177 0.13 13.72 3.30
C MET A 177 -1.34 13.35 3.20
N VAL A 178 -1.84 12.61 4.17
CA VAL A 178 -3.22 12.06 4.11
C VAL A 178 -3.99 12.32 5.38
N TYR A 179 -5.34 12.31 5.28
CA TYR A 179 -6.21 12.36 6.42
C TYR A 179 -6.31 10.98 7.08
N ASP A 180 -6.55 9.96 6.26
CA ASP A 180 -6.62 8.57 6.73
C ASP A 180 -5.23 7.98 6.78
N LYS A 181 -4.60 8.08 7.93
CA LYS A 181 -3.19 7.63 8.05
C LYS A 181 -3.02 6.13 7.81
N ASN A 182 -4.12 5.40 7.77
CA ASN A 182 -4.07 3.98 7.44
C ASN A 182 -3.61 3.73 6.01
N LEU A 183 -3.64 4.76 5.18
CA LEU A 183 -3.14 4.62 3.80
C LEU A 183 -1.60 4.49 3.78
N ILE A 184 -0.96 4.89 4.86
CA ILE A 184 0.49 4.81 4.95
C ILE A 184 0.90 3.40 5.47
N THR A 185 0.95 2.44 4.54
CA THR A 185 1.27 1.05 4.88
C THR A 185 2.79 0.79 4.87
N PRO A 186 3.23 -0.31 5.50
CA PRO A 186 4.67 -0.67 5.42
C PRO A 186 5.13 -0.79 3.98
N GLU A 187 4.27 -1.31 3.12
CA GLU A 187 4.66 -1.49 1.71
C GLU A 187 4.84 -0.18 0.97
N LEU A 188 3.94 0.80 1.23
CA LEU A 188 4.05 2.11 0.59
C LEU A 188 5.30 2.84 1.10
N VAL A 189 5.51 2.80 2.44
CA VAL A 189 6.73 3.38 3.01
C VAL A 189 8.00 2.81 2.38
N ASP A 190 8.09 1.49 2.27
CA ASP A 190 9.31 0.87 1.74
C ASP A 190 9.53 1.20 0.28
N GLN A 191 8.45 1.13 -0.53
CA GLN A 191 8.55 1.44 -1.95
C GLN A 191 9.04 2.87 -2.19
N ARG A 192 8.40 3.84 -1.43
CA ARG A 192 8.79 5.24 -1.57
C ARG A 192 10.23 5.44 -1.09
N PHE A 193 10.59 4.80 -0.04
CA PHE A 193 11.94 4.95 0.52
C PHE A 193 13.02 4.48 -0.43
N ALA A 194 12.76 3.37 -1.12
CA ALA A 194 13.78 2.82 -2.05
C ALA A 194 14.03 3.78 -3.20
N LEU A 195 12.98 4.51 -3.60
CA LEU A 195 13.14 5.50 -4.68
C LEU A 195 13.73 6.81 -4.15
N ALA A 196 13.33 7.18 -2.93
CA ALA A 196 13.67 8.50 -2.38
C ALA A 196 15.07 8.61 -1.84
N SER A 197 15.69 7.49 -1.56
CA SER A 197 16.98 7.54 -0.88
C SER A 197 18.14 7.22 -1.85
N THR A 198 17.85 7.01 -3.12
CA THR A 198 18.87 6.76 -4.09
C THR A 198 19.75 8.01 -4.26
N PRO A 199 20.89 7.83 -4.90
CA PRO A 199 21.80 8.95 -5.14
C PRO A 199 21.14 10.05 -5.98
N GLU A 200 20.51 9.67 -7.08
CA GLU A 200 19.83 10.67 -7.94
C GLU A 200 18.81 11.53 -7.19
N SER A 201 17.97 10.88 -6.35
CA SER A 201 16.91 11.59 -5.69
C SER A 201 17.41 12.57 -4.65
N LEU A 202 18.44 12.18 -3.92
CA LEU A 202 19.02 13.06 -2.93
C LEU A 202 19.60 14.29 -3.65
N THR A 203 20.26 14.05 -4.77
CA THR A 203 20.79 15.13 -5.61
C THR A 203 19.67 16.12 -5.97
N ALA A 204 18.58 15.59 -6.51
CA ALA A 204 17.45 16.41 -6.93
C ALA A 204 16.82 17.19 -5.80
N THR A 205 16.47 16.51 -4.73
CA THR A 205 15.76 17.18 -3.64
C THR A 205 16.51 18.42 -3.18
N ARG A 206 17.76 18.27 -2.85
CA ARG A 206 18.58 19.39 -2.44
C ARG A 206 18.28 20.57 -3.36
N ALA A 207 18.71 20.41 -4.61
CA ALA A 207 18.54 21.44 -5.61
C ALA A 207 17.19 22.15 -5.55
N MET A 208 16.12 21.42 -5.30
CA MET A 208 14.77 22.04 -5.34
C MET A 208 14.46 23.04 -4.25
N GLY A 209 14.64 22.64 -2.99
CA GLY A 209 14.30 23.51 -1.88
C GLY A 209 15.10 24.80 -1.94
N LYS A 210 16.39 24.66 -2.23
CA LYS A 210 17.29 25.79 -2.31
C LYS A 210 16.98 26.86 -3.36
N SER A 211 16.61 26.42 -4.55
CA SER A 211 16.19 27.31 -5.62
C SER A 211 14.98 28.19 -5.32
N PHE A 212 14.21 27.85 -4.28
CA PHE A 212 13.04 28.67 -3.97
C PHE A 212 13.60 29.97 -3.44
N ALA A 213 14.91 29.98 -3.14
CA ALA A 213 15.59 31.15 -2.63
C ALA A 213 16.91 31.45 -3.35
N GLY A 214 16.88 31.53 -4.65
CA GLY A 214 18.07 31.88 -5.39
C GLY A 214 17.97 33.36 -5.60
N ALA A 215 18.08 33.82 -6.84
CA ALA A 215 17.91 35.24 -7.10
C ALA A 215 16.62 35.51 -7.87
N ASP A 216 16.05 34.44 -8.39
CA ASP A 216 14.81 34.52 -9.15
C ASP A 216 13.64 34.03 -8.30
N PHE A 217 13.71 34.25 -7.00
CA PHE A 217 12.71 33.75 -6.07
C PHE A 217 11.28 34.25 -6.39
N GLU A 218 11.19 35.44 -6.99
CA GLU A 218 9.90 36.02 -7.33
C GLU A 218 9.07 35.14 -8.24
N ALA A 219 9.71 34.33 -9.07
CA ALA A 219 9.00 33.44 -9.97
C ALA A 219 8.13 32.43 -9.21
N GLY A 220 8.50 32.18 -7.95
CA GLY A 220 7.78 31.22 -7.12
C GLY A 220 6.61 31.85 -6.39
N MET A 221 6.60 33.19 -6.30
CA MET A 221 5.56 33.90 -5.58
C MET A 221 4.41 34.18 -6.54
N MET A 222 3.76 33.14 -7.04
CA MET A 222 2.82 33.27 -8.14
C MET A 222 1.49 33.92 -7.74
N TRP A 223 1.26 34.02 -6.43
CA TRP A 223 0.04 34.66 -5.94
C TRP A 223 0.03 36.13 -6.37
N ARG A 224 1.17 36.67 -6.69
CA ARG A 224 1.29 38.09 -7.15
C ARG A 224 0.93 38.26 -8.61
N GLU A 225 0.69 37.18 -9.33
CA GLU A 225 0.49 37.19 -10.78
C GLU A 225 -0.79 36.58 -11.30
N VAL A 226 -1.41 35.68 -10.57
CA VAL A 226 -2.55 34.93 -11.09
C VAL A 226 -3.76 35.76 -11.53
N TYR A 227 -3.77 37.03 -11.17
CA TYR A 227 -4.81 37.93 -11.64
C TYR A 227 -4.68 38.12 -13.16
N ARG A 228 -3.55 37.80 -13.78
N ARG A 228 -3.55 37.79 -13.77
CA ARG A 228 -3.42 37.86 -15.27
CA ARG A 228 -3.42 37.86 -15.26
C ARG A 228 -4.06 36.73 -16.14
C ARG A 228 -4.04 36.72 -16.14
N LEU A 229 -4.31 35.52 -15.47
CA LEU A 229 -4.93 34.29 -15.98
C LEU A 229 -6.30 34.55 -16.50
N ARG A 230 -6.54 34.18 -17.76
CA ARG A 230 -7.84 34.39 -18.39
C ARG A 230 -8.72 33.18 -18.54
N GLN A 231 -8.19 31.99 -18.24
CA GLN A 231 -8.99 30.81 -18.40
C GLN A 231 -9.68 30.36 -17.11
N PRO A 232 -10.66 29.48 -17.25
CA PRO A 232 -11.29 28.90 -16.09
C PRO A 232 -10.26 28.10 -15.32
N VAL A 233 -10.28 28.20 -13.98
CA VAL A 233 -9.32 27.48 -13.14
C VAL A 233 -10.11 26.82 -11.98
N LEU A 234 -10.03 25.51 -11.88
CA LEU A 234 -10.66 24.77 -10.79
C LEU A 234 -9.61 24.46 -9.70
N LEU A 235 -9.70 25.14 -8.56
CA LEU A 235 -8.85 24.84 -7.43
C LEU A 235 -9.53 23.72 -6.66
N ILE A 236 -8.78 22.68 -6.29
CA ILE A 236 -9.34 21.59 -5.48
C ILE A 236 -8.47 21.40 -4.23
N TRP A 237 -9.11 21.38 -3.09
CA TRP A 237 -8.33 21.30 -1.80
C TRP A 237 -8.91 20.22 -0.88
N GLY A 238 -8.01 19.55 -0.16
CA GLY A 238 -8.43 18.72 0.98
C GLY A 238 -8.51 19.61 2.20
N ARG A 239 -9.63 19.58 2.89
CA ARG A 239 -9.81 20.45 4.07
C ARG A 239 -8.66 20.28 5.08
N GLU A 240 -8.21 19.02 5.24
CA GLU A 240 -7.15 18.71 6.18
C GLU A 240 -5.74 18.67 5.57
N ASP A 241 -5.54 19.42 4.48
CA ASP A 241 -4.19 19.51 3.87
C ASP A 241 -3.16 20.14 4.81
N ARG A 242 -2.12 19.37 5.15
CA ARG A 242 -1.12 19.82 6.12
C ARG A 242 0.18 20.25 5.48
N VAL A 243 0.24 20.22 4.13
CA VAL A 243 1.41 20.68 3.40
C VAL A 243 1.19 22.09 2.85
N ASN A 244 0.16 22.23 2.01
CA ASN A 244 -0.32 23.49 1.53
C ASN A 244 -1.75 23.66 2.03
N PRO A 245 -1.94 24.30 3.23
CA PRO A 245 -3.21 24.26 3.91
C PRO A 245 -4.28 25.12 3.19
N LEU A 246 -5.53 24.87 3.51
CA LEU A 246 -6.68 25.55 2.86
C LEU A 246 -6.60 27.10 2.80
N ASP A 247 -6.05 27.74 3.82
CA ASP A 247 -5.94 29.21 3.81
C ASP A 247 -5.09 29.71 2.60
N GLY A 248 -4.32 28.81 2.03
CA GLY A 248 -3.49 29.13 0.86
C GLY A 248 -4.29 29.35 -0.41
N ALA A 249 -5.55 28.96 -0.40
CA ALA A 249 -6.41 29.04 -1.57
C ALA A 249 -6.97 30.48 -1.84
N LEU A 250 -6.93 31.33 -0.83
CA LEU A 250 -7.73 32.54 -0.81
C LEU A 250 -7.36 33.63 -1.82
N VAL A 251 -6.07 33.94 -1.91
CA VAL A 251 -5.64 35.00 -2.87
C VAL A 251 -5.98 34.60 -4.29
N ALA A 252 -5.73 33.33 -4.64
CA ALA A 252 -6.00 32.82 -5.98
C ALA A 252 -7.52 32.75 -6.26
N LEU A 253 -8.30 32.33 -5.29
CA LEU A 253 -9.78 32.31 -5.51
C LEU A 253 -10.28 33.72 -5.77
N LYS A 254 -9.74 34.69 -5.04
CA LYS A 254 -10.20 36.10 -5.15
C LYS A 254 -9.77 36.75 -6.50
N THR A 255 -8.55 36.53 -6.90
CA THR A 255 -7.91 37.31 -8.00
C THR A 255 -8.00 36.67 -9.39
N ILE A 256 -8.21 35.36 -9.48
CA ILE A 256 -8.39 34.71 -10.76
C ILE A 256 -9.83 34.89 -11.18
N PRO A 257 -10.06 35.69 -12.27
CA PRO A 257 -11.41 36.05 -12.66
C PRO A 257 -12.35 34.87 -12.82
N ARG A 258 -11.91 33.82 -13.53
CA ARG A 258 -12.79 32.68 -13.77
C ARG A 258 -12.47 31.48 -12.86
N ALA A 259 -12.09 31.79 -11.64
CA ALA A 259 -11.79 30.75 -10.63
C ALA A 259 -13.06 30.06 -10.06
N GLN A 260 -12.90 28.77 -9.71
CA GLN A 260 -13.83 28.03 -8.89
C GLN A 260 -13.00 27.30 -7.83
N LEU A 261 -13.61 27.00 -6.70
CA LEU A 261 -12.92 26.22 -5.64
C LEU A 261 -13.81 25.05 -5.16
N HIS A 262 -13.23 23.84 -5.04
CA HIS A 262 -13.92 22.71 -4.41
C HIS A 262 -13.10 22.19 -3.25
N VAL A 263 -13.70 22.14 -2.08
CA VAL A 263 -12.98 21.64 -0.90
C VAL A 263 -13.69 20.34 -0.43
N PHE A 264 -12.88 19.30 -0.21
CA PHE A 264 -13.41 18.03 0.32
C PHE A 264 -13.06 17.87 1.78
N GLY A 265 -14.05 17.72 2.63
CA GLY A 265 -13.83 17.39 4.03
C GLY A 265 -13.34 15.94 4.14
N GLN A 266 -12.54 15.66 5.18
CA GLN A 266 -11.99 14.34 5.38
C GLN A 266 -11.07 13.92 4.25
N CYS A 267 -10.09 14.78 3.94
CA CYS A 267 -9.22 14.60 2.83
C CYS A 267 -7.95 15.45 3.06
N GLY A 268 -6.80 14.84 2.89
CA GLY A 268 -5.55 15.55 3.05
C GLY A 268 -4.96 16.04 1.75
N HIS A 269 -3.61 16.13 1.70
CA HIS A 269 -2.88 16.71 0.59
C HIS A 269 -2.94 15.89 -0.71
N TRP A 270 -3.15 14.58 -0.61
CA TRP A 270 -3.30 13.73 -1.79
C TRP A 270 -4.76 13.57 -2.25
N VAL A 271 -5.32 14.67 -2.75
CA VAL A 271 -6.74 14.68 -3.14
C VAL A 271 -7.03 13.58 -4.15
N GLN A 272 -6.13 13.40 -5.12
CA GLN A 272 -6.36 12.45 -6.19
C GLN A 272 -6.40 11.01 -5.66
N VAL A 273 -5.86 10.78 -4.47
CA VAL A 273 -5.92 9.44 -3.84
C VAL A 273 -7.09 9.26 -2.90
N GLU A 274 -7.24 10.14 -1.91
CA GLU A 274 -8.26 9.97 -0.89
C GLU A 274 -9.66 10.13 -1.44
N LYS A 275 -9.79 10.98 -2.46
CA LYS A 275 -11.08 11.23 -3.06
C LYS A 275 -11.12 10.96 -4.53
N PHE A 276 -10.43 9.91 -4.96
CA PHE A 276 -10.18 9.65 -6.36
C PHE A 276 -11.42 9.64 -7.23
N ASP A 277 -12.55 9.16 -6.66
CA ASP A 277 -13.78 9.12 -7.46
C ASP A 277 -14.38 10.49 -7.71
N GLU A 278 -14.49 11.19 -6.69
CA GLU A 278 -14.96 12.56 -6.77
C GLU A 278 -14.04 13.43 -7.59
N PHE A 279 -12.72 13.35 -7.41
CA PHE A 279 -11.78 14.06 -8.18
C PHE A 279 -11.86 13.73 -9.66
N ASN A 280 -11.94 12.47 -10.01
CA ASN A 280 -12.00 12.08 -11.41
C ASN A 280 -13.26 12.70 -12.10
N LYS A 281 -14.39 12.64 -11.43
CA LYS A 281 -15.64 13.11 -11.98
C LYS A 281 -15.64 14.62 -12.15
N LEU A 282 -15.15 15.32 -11.15
CA LEU A 282 -15.02 16.74 -11.17
C LEU A 282 -14.10 17.20 -12.30
N THR A 283 -13.00 16.50 -12.51
CA THR A 283 -12.08 16.77 -13.58
C THR A 283 -12.66 16.50 -14.98
N ILE A 284 -13.33 15.38 -15.14
CA ILE A 284 -13.91 15.08 -16.43
C ILE A 284 -14.96 16.13 -16.82
N GLU A 285 -15.79 16.57 -15.88
CA GLU A 285 -16.80 17.58 -16.16
C GLU A 285 -16.17 18.90 -16.53
N PHE A 286 -15.25 19.36 -15.69
CA PHE A 286 -14.60 20.64 -15.88
C PHE A 286 -13.92 20.76 -17.23
N LEU A 287 -13.28 19.67 -17.67
CA LEU A 287 -12.55 19.67 -18.93
C LEU A 287 -13.43 19.27 -20.11
N GLY A 288 -14.67 18.94 -19.85
CA GLY A 288 -15.59 18.52 -20.90
C GLY A 288 -15.40 17.06 -21.26
N LEU B 7 7.35 0.34 18.11
CA LEU B 7 7.42 -1.01 17.66
C LEU B 7 7.74 -1.06 16.17
N THR B 8 8.84 -1.72 15.79
CA THR B 8 9.25 -1.86 14.39
C THR B 8 9.73 -3.26 14.13
N PHE B 9 9.88 -3.60 12.86
CA PHE B 9 10.28 -4.92 12.41
C PHE B 9 11.51 -5.33 13.16
N GLU B 10 12.42 -4.38 13.25
CA GLU B 10 13.78 -4.61 13.72
C GLU B 10 13.82 -4.83 15.20
N SER B 11 13.20 -3.94 15.92
CA SER B 11 13.15 -4.01 17.37
C SER B 11 12.50 -5.26 17.90
N THR B 12 11.55 -5.81 17.16
CA THR B 12 10.83 -7.03 17.55
C THR B 12 11.34 -8.32 16.94
N SER B 13 12.34 -8.22 16.03
CA SER B 13 12.86 -9.40 15.36
C SER B 13 13.58 -10.37 16.28
N ARG B 14 13.31 -11.66 16.14
CA ARG B 14 13.94 -12.70 16.96
C ARG B 14 14.15 -13.96 16.15
N PHE B 15 15.15 -14.76 16.50
CA PHE B 15 15.40 -16.02 15.82
C PHE B 15 15.53 -17.16 16.79
N ALA B 16 15.17 -18.35 16.35
CA ALA B 16 15.32 -19.54 17.18
C ALA B 16 15.62 -20.77 16.32
N GLU B 17 16.45 -21.67 16.83
CA GLU B 17 16.74 -22.91 16.15
C GLU B 17 16.05 -24.04 16.89
N VAL B 18 15.26 -24.82 16.17
CA VAL B 18 14.57 -25.92 16.77
C VAL B 18 14.83 -27.20 16.00
N ASP B 19 14.38 -28.32 16.51
CA ASP B 19 14.58 -29.58 15.86
C ASP B 19 13.38 -30.21 15.22
N VAL B 20 13.40 -30.31 13.91
CA VAL B 20 12.38 -31.04 13.21
C VAL B 20 13.11 -31.88 12.18
N ASP B 21 13.29 -33.14 12.47
CA ASP B 21 14.08 -33.94 11.57
C ASP B 21 15.32 -33.14 11.20
N GLY B 22 15.85 -32.33 12.11
CA GLY B 22 17.09 -31.60 11.97
C GLY B 22 16.89 -30.12 12.24
N PRO B 23 17.96 -29.39 12.32
CA PRO B 23 17.90 -27.99 12.64
C PRO B 23 17.04 -27.26 11.66
N LEU B 24 16.27 -26.29 12.16
CA LEU B 24 15.33 -25.45 11.38
C LEU B 24 15.27 -24.15 12.11
N LYS B 25 15.61 -23.09 11.43
CA LYS B 25 15.60 -21.81 12.04
C LYS B 25 14.26 -21.13 11.80
N LEU B 26 13.66 -20.62 12.86
CA LEU B 26 12.39 -19.89 12.79
C LEU B 26 12.66 -18.51 13.13
N HIS B 27 12.03 -17.58 12.40
CA HIS B 27 12.05 -16.20 12.70
C HIS B 27 10.65 -15.76 13.33
N TYR B 28 10.68 -14.79 14.21
CA TYR B 28 9.44 -14.29 14.85
C TYR B 28 9.58 -12.90 15.41
N HIS B 29 8.45 -12.26 15.70
CA HIS B 29 8.43 -10.93 16.28
C HIS B 29 7.85 -10.99 17.69
N GLU B 30 8.48 -10.25 18.57
CA GLU B 30 8.04 -10.24 19.97
C GLU B 30 7.76 -8.87 20.46
N ALA B 31 6.61 -8.72 21.12
CA ALA B 31 6.26 -7.46 21.72
C ALA B 31 5.50 -7.67 23.03
N GLY B 32 5.27 -6.60 23.75
CA GLY B 32 4.54 -6.60 24.98
C GLY B 32 5.12 -7.44 26.06
N VAL B 33 6.46 -7.49 26.09
CA VAL B 33 7.08 -8.33 27.08
C VAL B 33 6.66 -7.72 28.40
N GLY B 34 6.42 -8.52 29.38
CA GLY B 34 6.01 -7.93 30.64
C GLY B 34 4.52 -7.91 30.82
N ASN B 35 3.82 -8.47 29.86
CA ASN B 35 2.40 -8.65 29.99
C ASN B 35 2.35 -10.08 30.40
N ASP B 36 1.36 -10.44 31.17
CA ASP B 36 1.29 -11.72 31.81
C ASP B 36 0.85 -12.87 30.92
N GLN B 37 -0.01 -12.63 29.94
CA GLN B 37 -0.44 -13.77 29.15
C GLN B 37 0.19 -13.73 27.77
N THR B 38 0.60 -14.90 27.33
CA THR B 38 1.24 -15.08 26.05
C THR B 38 0.24 -15.51 24.99
N VAL B 39 0.29 -14.82 23.84
N VAL B 39 0.36 -14.88 23.87
CA VAL B 39 -0.45 -15.21 22.67
CA VAL B 39 -0.38 -15.28 22.70
C VAL B 39 0.43 -15.41 21.41
C VAL B 39 0.50 -15.47 21.44
N VAL B 40 0.21 -16.48 20.69
CA VAL B 40 0.96 -16.74 19.46
C VAL B 40 0.11 -16.39 18.23
N LEU B 41 0.72 -15.70 17.26
CA LEU B 41 0.02 -15.32 16.02
C LEU B 41 0.59 -16.06 14.83
N LEU B 42 -0.25 -16.73 14.06
CA LEU B 42 0.16 -17.46 12.85
C LEU B 42 -0.45 -16.89 11.58
N HIS B 43 0.40 -16.35 10.69
CA HIS B 43 -0.05 -15.61 9.50
C HIS B 43 -0.54 -16.49 8.36
N GLY B 44 -1.19 -15.87 7.39
CA GLY B 44 -1.77 -16.55 6.24
C GLY B 44 -0.72 -16.92 5.20
N GLY B 45 -1.12 -17.64 4.16
CA GLY B 45 -0.17 -18.33 3.30
C GLY B 45 -0.01 -17.89 1.83
N GLY B 46 -0.39 -16.67 1.52
CA GLY B 46 -0.18 -16.16 0.15
C GLY B 46 1.33 -16.01 -0.07
N PRO B 47 1.76 -16.04 -1.34
CA PRO B 47 3.18 -15.82 -1.61
C PRO B 47 3.60 -14.42 -1.18
N GLY B 48 4.71 -14.33 -0.49
CA GLY B 48 5.24 -13.06 -0.05
C GLY B 48 4.76 -12.66 1.33
N ALA B 49 3.77 -13.40 1.84
CA ALA B 49 3.23 -13.11 3.17
C ALA B 49 4.21 -13.43 4.28
N ALA B 50 4.07 -12.73 5.40
CA ALA B 50 4.90 -12.92 6.59
C ALA B 50 4.16 -12.34 7.79
N SER B 51 4.72 -12.56 8.99
CA SER B 51 4.13 -12.09 10.22
C SER B 51 3.92 -10.59 10.27
N TRP B 52 4.99 -9.85 9.99
CA TRP B 52 4.95 -8.42 10.11
C TRP B 52 3.99 -7.70 9.17
N THR B 53 3.89 -8.15 7.93
CA THR B 53 2.94 -7.48 7.04
C THR B 53 1.51 -8.00 7.20
N ASN B 54 1.40 -9.25 7.60
CA ASN B 54 0.07 -9.84 7.85
C ASN B 54 -0.60 -9.22 9.08
N PHE B 55 0.18 -8.92 10.11
CA PHE B 55 -0.37 -8.47 11.38
C PHE B 55 0.05 -7.06 11.84
N SER B 56 0.40 -6.17 10.91
CA SER B 56 0.84 -4.81 11.24
C SER B 56 -0.22 -3.95 11.95
N ARG B 57 -1.47 -4.08 11.53
N ARG B 57 -1.47 -4.10 11.51
CA ARG B 57 -2.58 -3.34 12.14
CA ARG B 57 -2.59 -3.37 12.10
C ARG B 57 -3.09 -4.00 13.43
C ARG B 57 -3.13 -4.06 13.36
N ASN B 58 -2.36 -5.01 13.91
CA ASN B 58 -2.80 -5.82 15.04
C ASN B 58 -1.78 -6.01 16.16
N ILE B 59 -0.53 -6.31 15.78
CA ILE B 59 0.49 -6.62 16.75
C ILE B 59 0.66 -5.53 17.82
N ALA B 60 0.72 -4.27 17.40
CA ALA B 60 0.92 -3.17 18.33
C ALA B 60 -0.25 -2.99 19.28
N VAL B 61 -1.45 -3.28 18.77
CA VAL B 61 -2.66 -3.20 19.58
C VAL B 61 -2.74 -4.34 20.58
N LEU B 62 -2.53 -5.57 20.12
CA LEU B 62 -2.61 -6.73 21.02
C LEU B 62 -1.52 -6.67 22.07
N ALA B 63 -0.41 -5.99 21.73
CA ALA B 63 0.74 -5.88 22.61
C ALA B 63 0.48 -5.02 23.83
N ARG B 64 -0.53 -4.19 23.77
CA ARG B 64 -0.93 -3.40 24.93
C ARG B 64 -1.50 -4.32 25.99
N HIS B 65 -2.00 -5.49 25.57
CA HIS B 65 -2.67 -6.41 26.48
C HIS B 65 -1.96 -7.73 26.69
N PHE B 66 -1.28 -8.23 25.67
CA PHE B 66 -0.65 -9.52 25.76
C PHE B 66 0.85 -9.50 25.45
N HIS B 67 1.49 -10.63 25.74
CA HIS B 67 2.86 -10.91 25.29
C HIS B 67 2.73 -11.62 23.95
N VAL B 68 2.97 -10.88 22.87
CA VAL B 68 2.72 -11.37 21.52
C VAL B 68 3.95 -12.01 20.88
N LEU B 69 3.78 -13.24 20.41
CA LEU B 69 4.80 -13.89 19.60
C LEU B 69 4.18 -14.15 18.24
N ALA B 70 4.59 -13.35 17.23
CA ALA B 70 4.12 -13.54 15.87
C ALA B 70 5.18 -14.29 15.08
N VAL B 71 4.88 -15.53 14.72
CA VAL B 71 5.87 -16.45 14.18
C VAL B 71 5.77 -16.62 12.67
N ASP B 72 6.90 -16.41 11.97
CA ASP B 72 6.97 -16.71 10.53
C ASP B 72 6.98 -18.22 10.37
N GLN B 73 5.96 -18.77 9.69
CA GLN B 73 5.87 -20.21 9.54
C GLN B 73 6.96 -20.70 8.52
N PRO B 74 7.36 -21.93 8.62
CA PRO B 74 8.36 -22.44 7.69
C PRO B 74 7.94 -22.21 6.28
N GLY B 75 8.88 -21.71 5.47
CA GLY B 75 8.58 -21.48 4.09
C GLY B 75 8.28 -20.03 3.84
N TYR B 76 8.20 -19.25 4.92
CA TYR B 76 7.84 -17.87 4.80
C TYR B 76 8.70 -16.93 5.59
N GLY B 77 8.67 -15.67 5.25
CA GLY B 77 9.37 -14.65 5.96
C GLY B 77 10.85 -14.96 6.02
N HIS B 78 11.41 -14.91 7.22
CA HIS B 78 12.83 -15.19 7.46
C HIS B 78 13.06 -16.49 8.10
N SER B 79 12.09 -17.39 8.09
CA SER B 79 12.24 -18.70 8.62
C SER B 79 12.74 -19.58 7.50
N ASP B 80 13.38 -20.67 7.84
CA ASP B 80 13.95 -21.54 6.86
C ASP B 80 12.93 -21.90 5.83
N LYS B 81 13.36 -22.06 4.59
CA LYS B 81 12.47 -22.40 3.53
C LYS B 81 12.83 -23.69 2.87
N ARG B 82 12.52 -24.79 3.54
CA ARG B 82 12.83 -26.10 3.02
C ARG B 82 12.11 -26.42 1.72
N ALA B 83 12.70 -27.28 0.91
CA ALA B 83 12.10 -27.60 -0.35
C ALA B 83 11.37 -28.91 -0.25
N GLU B 84 11.60 -29.64 0.83
CA GLU B 84 10.91 -30.88 1.04
C GLU B 84 10.42 -30.99 2.48
N HIS B 85 9.22 -31.56 2.63
CA HIS B 85 8.53 -31.79 3.93
C HIS B 85 7.22 -32.56 3.77
N GLY B 86 6.59 -32.92 4.87
CA GLY B 86 5.34 -33.67 4.88
C GLY B 86 4.17 -32.70 4.84
N GLN B 87 2.96 -33.21 5.10
CA GLN B 87 1.75 -32.32 5.10
C GLN B 87 2.13 -31.02 5.78
N PHE B 88 1.90 -29.88 5.13
CA PHE B 88 2.42 -28.62 5.63
C PHE B 88 2.04 -28.27 7.06
N ASN B 89 0.75 -28.49 7.40
CA ASN B 89 0.31 -28.09 8.69
C ASN B 89 0.94 -28.96 9.82
N ARG B 90 1.05 -30.24 9.60
CA ARG B 90 1.72 -31.14 10.56
C ARG B 90 3.18 -30.75 10.79
N TYR B 91 3.88 -30.42 9.70
CA TYR B 91 5.28 -29.91 9.69
C TYR B 91 5.43 -28.59 10.39
N ALA B 92 4.56 -27.62 10.09
CA ALA B 92 4.67 -26.37 10.79
C ALA B 92 4.33 -26.49 12.27
N ALA B 93 3.45 -27.42 12.59
CA ALA B 93 3.05 -27.72 13.97
C ALA B 93 4.23 -28.28 14.78
N MET B 94 4.98 -29.16 14.12
CA MET B 94 6.20 -29.70 14.77
C MET B 94 7.19 -28.59 15.07
N ALA B 95 7.31 -27.61 14.16
CA ALA B 95 8.21 -26.48 14.38
C ALA B 95 7.74 -25.62 15.55
N LEU B 96 6.41 -25.43 15.65
CA LEU B 96 5.88 -24.63 16.74
C LEU B 96 6.11 -25.32 18.06
N LYS B 97 5.91 -26.63 18.09
CA LYS B 97 6.12 -27.42 19.31
C LYS B 97 7.59 -27.28 19.77
N GLY B 98 8.51 -27.34 18.81
CA GLY B 98 9.92 -27.13 19.13
C GLY B 98 10.16 -25.75 19.72
N LEU B 99 9.44 -24.75 19.22
CA LEU B 99 9.59 -23.38 19.70
C LEU B 99 8.98 -23.25 21.11
N PHE B 100 7.80 -23.84 21.28
CA PHE B 100 7.14 -23.84 22.60
C PHE B 100 8.11 -24.39 23.64
N ASP B 101 8.67 -25.55 23.35
CA ASP B 101 9.60 -26.20 24.28
C ASP B 101 10.83 -25.33 24.61
N GLN B 102 11.45 -24.75 23.60
CA GLN B 102 12.64 -23.93 23.80
C GLN B 102 12.40 -22.61 24.54
N LEU B 103 11.19 -22.06 24.41
CA LEU B 103 10.86 -20.79 25.04
C LEU B 103 10.24 -20.98 26.43
N GLY B 104 9.91 -22.22 26.76
CA GLY B 104 9.37 -22.54 28.07
C GLY B 104 7.86 -22.35 28.18
N LEU B 105 7.20 -22.32 27.04
CA LEU B 105 5.74 -22.13 27.03
C LEU B 105 4.97 -23.40 27.40
N GLY B 106 3.84 -23.23 28.09
CA GLY B 106 3.00 -24.34 28.48
C GLY B 106 1.73 -24.49 27.65
N ARG B 107 0.67 -23.79 28.06
CA ARG B 107 -0.58 -23.76 27.30
C ARG B 107 -0.82 -22.32 26.89
N VAL B 108 -0.91 -22.08 25.59
CA VAL B 108 -1.03 -20.73 25.09
C VAL B 108 -2.11 -20.60 24.00
N PRO B 109 -2.86 -19.53 24.06
CA PRO B 109 -3.90 -19.27 23.03
C PRO B 109 -3.24 -18.97 21.69
N LEU B 110 -3.83 -19.48 20.63
CA LEU B 110 -3.30 -19.30 19.28
C LEU B 110 -4.26 -18.48 18.43
N VAL B 111 -3.71 -17.55 17.65
CA VAL B 111 -4.50 -16.73 16.71
C VAL B 111 -3.97 -16.98 15.32
N GLY B 112 -4.75 -17.56 14.41
CA GLY B 112 -4.24 -17.89 13.10
C GLY B 112 -5.20 -17.66 11.96
N ASN B 113 -4.72 -17.05 10.86
CA ASN B 113 -5.57 -16.88 9.70
C ASN B 113 -5.21 -17.67 8.48
N ALA B 114 -6.21 -18.25 7.82
CA ALA B 114 -5.99 -19.02 6.57
C ALA B 114 -5.09 -20.21 6.86
N LEU B 115 -3.98 -20.33 6.08
CA LEU B 115 -3.05 -21.43 6.31
C LEU B 115 -2.59 -21.48 7.77
N GLY B 116 -2.39 -20.33 8.37
CA GLY B 116 -1.95 -20.24 9.76
C GLY B 116 -3.01 -20.74 10.76
N GLY B 117 -4.27 -20.68 10.37
CA GLY B 117 -5.32 -21.25 11.22
C GLY B 117 -5.30 -22.76 11.16
N GLY B 118 -5.01 -23.29 9.97
CA GLY B 118 -4.88 -24.72 9.79
C GLY B 118 -3.73 -25.27 10.62
N THR B 119 -2.65 -24.49 10.74
CA THR B 119 -1.52 -24.90 11.59
C THR B 119 -1.88 -24.83 13.08
N ALA B 120 -2.63 -23.80 13.47
CA ALA B 120 -3.09 -23.68 14.85
C ALA B 120 -3.90 -24.89 15.23
N VAL B 121 -4.83 -25.30 14.37
CA VAL B 121 -5.68 -26.47 14.62
C VAL B 121 -4.88 -27.77 14.66
N ARG B 122 -4.01 -27.97 13.67
CA ARG B 122 -3.20 -29.19 13.62
C ARG B 122 -2.35 -29.31 14.90
N PHE B 123 -1.83 -28.20 15.37
CA PHE B 123 -1.10 -28.11 16.61
C PHE B 123 -1.98 -28.43 17.80
N ALA B 124 -3.21 -27.89 17.79
CA ALA B 124 -4.13 -28.16 18.90
C ALA B 124 -4.53 -29.60 18.95
N LEU B 125 -4.54 -30.29 17.80
CA LEU B 125 -4.94 -31.69 17.74
C LEU B 125 -3.75 -32.62 18.10
N ASP B 126 -2.59 -32.27 17.59
CA ASP B 126 -1.38 -33.06 17.79
C ASP B 126 -0.76 -32.89 19.17
N TYR B 127 -0.78 -31.70 19.74
CA TYR B 127 -0.27 -31.39 21.06
C TYR B 127 -1.34 -30.76 22.00
N PRO B 128 -2.35 -31.51 22.28
CA PRO B 128 -3.60 -31.04 22.90
C PRO B 128 -3.47 -30.25 24.18
N ALA B 129 -2.50 -30.54 25.00
CA ALA B 129 -2.33 -29.80 26.22
C ALA B 129 -1.67 -28.51 26.02
N ARG B 130 -1.10 -28.29 24.84
N ARG B 130 -1.09 -28.27 24.85
CA ARG B 130 -0.31 -27.09 24.62
CA ARG B 130 -0.31 -27.06 24.65
C ARG B 130 -1.08 -25.88 24.05
C ARG B 130 -1.07 -25.87 24.05
N ALA B 131 -2.21 -26.13 23.45
CA ALA B 131 -2.98 -25.06 22.86
C ALA B 131 -4.16 -24.63 23.73
N GLY B 132 -4.21 -23.40 24.02
CA GLY B 132 -5.30 -22.77 24.74
C GLY B 132 -6.47 -22.40 23.82
N ARG B 133 -7.15 -21.31 24.12
CA ARG B 133 -8.25 -20.86 23.28
C ARG B 133 -7.71 -20.57 21.87
N LEU B 134 -8.55 -20.77 20.86
CA LEU B 134 -8.16 -20.48 19.46
C LEU B 134 -9.02 -19.41 18.84
N VAL B 135 -8.40 -18.45 18.19
CA VAL B 135 -9.12 -17.50 17.31
C VAL B 135 -8.66 -17.80 15.88
N LEU B 136 -9.58 -18.19 15.01
CA LEU B 136 -9.28 -18.66 13.67
C LEU B 136 -10.00 -17.82 12.58
N MET B 137 -9.24 -17.12 11.71
CA MET B 137 -9.86 -16.27 10.71
C MET B 137 -9.80 -16.89 9.33
N GLY B 138 -10.94 -17.13 8.71
CA GLY B 138 -10.98 -17.85 7.44
C GLY B 138 -10.00 -19.00 7.36
N PRO B 139 -9.93 -19.82 8.39
CA PRO B 139 -8.95 -20.89 8.50
C PRO B 139 -9.05 -21.97 7.44
N GLY B 140 -7.87 -22.46 7.03
CA GLY B 140 -7.80 -23.61 6.16
C GLY B 140 -7.76 -24.82 7.08
N GLY B 141 -7.76 -26.00 6.53
CA GLY B 141 -7.64 -27.20 7.34
C GLY B 141 -8.95 -27.70 7.95
N LEU B 142 -9.49 -26.96 8.90
CA LEU B 142 -10.73 -27.40 9.52
C LEU B 142 -11.96 -27.04 8.68
N SER B 143 -11.71 -26.30 7.60
CA SER B 143 -12.78 -25.91 6.67
C SER B 143 -12.95 -26.90 5.56
N ILE B 144 -14.21 -27.19 5.21
CA ILE B 144 -14.57 -28.00 4.08
C ILE B 144 -15.73 -27.28 3.41
N ASN B 145 -15.55 -26.94 2.13
CA ASN B 145 -16.49 -26.08 1.40
C ASN B 145 -17.71 -26.88 0.92
N LEU B 146 -18.73 -26.92 1.71
CA LEU B 146 -19.89 -27.79 1.40
C LEU B 146 -20.60 -27.41 0.10
N PHE B 147 -20.51 -26.13 -0.28
CA PHE B 147 -21.20 -25.70 -1.50
C PHE B 147 -20.28 -25.25 -2.65
N ALA B 148 -19.18 -24.58 -2.32
CA ALA B 148 -18.27 -24.05 -3.36
C ALA B 148 -17.41 -25.12 -4.01
N PRO B 149 -17.41 -25.19 -5.38
CA PRO B 149 -16.54 -26.14 -6.06
C PRO B 149 -15.06 -25.84 -5.74
N ASP B 150 -14.28 -26.89 -5.55
CA ASP B 150 -12.85 -26.78 -5.25
C ASP B 150 -12.06 -27.15 -6.52
N PRO B 151 -10.92 -26.49 -6.78
CA PRO B 151 -10.40 -25.41 -6.02
C PRO B 151 -11.22 -24.11 -6.23
N THR B 152 -11.27 -23.30 -5.21
CA THR B 152 -11.97 -22.04 -5.27
C THR B 152 -11.17 -21.03 -6.13
N GLU B 153 -11.82 -19.92 -6.42
CA GLU B 153 -11.23 -18.85 -7.18
C GLU B 153 -9.95 -18.44 -6.56
N GLY B 154 -9.88 -18.18 -5.26
CA GLY B 154 -8.65 -17.85 -4.58
C GLY B 154 -7.51 -18.88 -4.60
N VAL B 155 -7.85 -20.13 -4.46
CA VAL B 155 -6.86 -21.20 -4.54
C VAL B 155 -6.36 -21.33 -5.99
N LYS B 156 -7.25 -21.21 -6.95
CA LYS B 156 -6.89 -21.24 -8.35
C LYS B 156 -5.88 -20.12 -8.69
N ARG B 157 -6.16 -18.95 -8.23
N ARG B 157 -6.16 -18.95 -8.23
CA ARG B 157 -5.30 -17.83 -8.57
CA ARG B 157 -5.29 -17.83 -8.56
C ARG B 157 -3.89 -17.98 -7.99
C ARG B 157 -3.88 -17.99 -8.00
N LEU B 158 -3.74 -18.63 -6.78
CA LEU B 158 -2.45 -18.91 -6.15
C LEU B 158 -1.67 -19.92 -7.00
N SER B 159 -2.34 -20.98 -7.39
CA SER B 159 -1.73 -22.00 -8.23
C SER B 159 -1.28 -21.42 -9.57
N LYS B 160 -2.04 -20.49 -10.12
CA LYS B 160 -1.69 -19.88 -11.38
C LYS B 160 -0.40 -19.10 -11.22
N PHE B 161 -0.26 -18.36 -10.14
CA PHE B 161 0.96 -17.61 -9.85
C PHE B 161 2.14 -18.57 -9.67
N SER B 162 1.91 -19.65 -8.95
CA SER B 162 3.00 -20.56 -8.77
C SER B 162 3.46 -21.19 -10.11
N VAL B 163 2.57 -21.38 -11.07
CA VAL B 163 2.95 -21.91 -12.34
C VAL B 163 3.57 -20.82 -13.19
N ALA B 164 3.16 -19.57 -13.00
CA ALA B 164 3.60 -18.44 -13.80
C ALA B 164 3.76 -17.18 -12.95
N PRO B 165 4.89 -17.04 -12.26
CA PRO B 165 5.09 -15.99 -11.25
C PRO B 165 5.28 -14.60 -11.83
N THR B 166 4.22 -14.01 -12.37
CA THR B 166 4.24 -12.68 -12.93
C THR B 166 3.55 -11.63 -12.04
N ARG B 167 3.87 -10.36 -12.21
CA ARG B 167 3.24 -9.28 -11.48
C ARG B 167 1.73 -9.29 -11.70
N GLU B 168 1.33 -9.51 -12.94
CA GLU B 168 -0.06 -9.60 -13.31
C GLU B 168 -0.82 -10.75 -12.57
N ASN B 169 -0.26 -11.94 -12.50
CA ASN B 169 -0.88 -13.00 -11.81
C ASN B 169 -0.92 -12.80 -10.28
N LEU B 170 0.09 -12.15 -9.74
CA LEU B 170 0.05 -11.86 -8.32
C LEU B 170 -1.00 -10.78 -8.01
N GLU B 171 -1.11 -9.73 -8.83
CA GLU B 171 -2.18 -8.75 -8.64
C GLU B 171 -3.56 -9.44 -8.65
N ALA B 172 -3.78 -10.32 -9.62
CA ALA B 172 -5.06 -11.05 -9.71
C ALA B 172 -5.38 -11.83 -8.44
N PHE B 173 -4.34 -12.48 -7.89
CA PHE B 173 -4.48 -13.22 -6.63
C PHE B 173 -4.84 -12.31 -5.47
N LEU B 174 -4.11 -11.20 -5.32
CA LEU B 174 -4.35 -10.28 -4.22
C LEU B 174 -5.74 -9.69 -4.27
N ARG B 175 -6.28 -9.49 -5.47
N ARG B 175 -6.25 -9.47 -5.47
CA ARG B 175 -7.58 -8.84 -5.61
CA ARG B 175 -7.57 -8.88 -5.69
C ARG B 175 -8.74 -9.70 -5.14
C ARG B 175 -8.70 -9.70 -5.12
N VAL B 176 -8.53 -11.01 -5.06
CA VAL B 176 -9.56 -11.88 -4.47
C VAL B 176 -9.28 -12.18 -3.00
N MET B 177 -8.37 -11.41 -2.40
CA MET B 177 -8.15 -11.52 -0.94
C MET B 177 -9.01 -10.54 -0.14
N VAL B 178 -9.59 -9.55 -0.81
CA VAL B 178 -10.26 -8.45 -0.12
C VAL B 178 -11.59 -8.14 -0.78
N TYR B 179 -12.53 -7.60 0.01
CA TYR B 179 -13.78 -7.07 -0.51
C TYR B 179 -13.56 -5.71 -1.20
N ASP B 180 -12.86 -4.83 -0.52
CA ASP B 180 -12.53 -3.48 -1.06
C ASP B 180 -11.25 -3.58 -1.89
N LYS B 181 -11.41 -3.81 -3.21
CA LYS B 181 -10.24 -4.03 -4.07
C LYS B 181 -9.32 -2.80 -4.14
N ASN B 182 -9.78 -1.68 -3.61
CA ASN B 182 -8.95 -0.48 -3.56
C ASN B 182 -7.77 -0.65 -2.64
N LEU B 183 -7.82 -1.68 -1.76
CA LEU B 183 -6.70 -1.97 -0.88
C LEU B 183 -5.48 -2.53 -1.67
N ILE B 184 -5.76 -3.05 -2.84
CA ILE B 184 -4.69 -3.62 -3.69
C ILE B 184 -4.02 -2.47 -4.52
N THR B 185 -3.06 -1.80 -3.90
CA THR B 185 -2.37 -0.66 -4.51
C THR B 185 -1.14 -1.10 -5.33
N PRO B 186 -0.68 -0.23 -6.25
CA PRO B 186 0.58 -0.57 -6.97
C PRO B 186 1.71 -0.86 -6.01
N GLU B 187 1.79 -0.12 -4.90
CA GLU B 187 2.87 -0.34 -3.92
C GLU B 187 2.79 -1.69 -3.22
N LEU B 188 1.57 -2.12 -2.84
CA LEU B 188 1.39 -3.43 -2.20
C LEU B 188 1.72 -4.55 -3.17
N VAL B 189 1.29 -4.46 -4.42
CA VAL B 189 1.63 -5.50 -5.45
C VAL B 189 3.16 -5.68 -5.67
N ASP B 190 3.85 -4.58 -5.81
CA ASP B 190 5.31 -4.58 -6.05
C ASP B 190 6.09 -5.14 -4.90
N GLN B 191 5.82 -4.68 -3.68
CA GLN B 191 6.46 -5.25 -2.53
C GLN B 191 6.19 -6.69 -2.33
N ARG B 192 4.95 -7.13 -2.44
N ARG B 192 4.95 -7.12 -2.47
CA ARG B 192 4.71 -8.55 -2.36
CA ARG B 192 4.68 -8.55 -2.36
C ARG B 192 5.36 -9.34 -3.50
C ARG B 192 5.34 -9.36 -3.49
N PHE B 193 5.35 -8.84 -4.71
CA PHE B 193 5.94 -9.59 -5.85
C PHE B 193 7.43 -9.78 -5.64
N ALA B 194 8.06 -8.75 -5.14
CA ALA B 194 9.49 -8.75 -4.91
C ALA B 194 9.82 -9.92 -4.02
N LEU B 195 9.03 -10.13 -2.98
CA LEU B 195 9.29 -11.19 -2.08
C LEU B 195 8.85 -12.51 -2.60
N ALA B 196 7.76 -12.53 -3.34
CA ALA B 196 7.16 -13.78 -3.70
C ALA B 196 7.82 -14.42 -4.92
N SER B 197 8.50 -13.61 -5.70
CA SER B 197 9.10 -14.15 -6.92
C SER B 197 10.53 -14.67 -6.72
N THR B 198 11.11 -14.62 -5.53
CA THR B 198 12.40 -15.26 -5.30
C THR B 198 12.35 -16.75 -5.50
N PRO B 199 13.42 -17.32 -6.06
CA PRO B 199 13.52 -18.77 -6.26
C PRO B 199 13.23 -19.58 -4.98
N GLU B 200 13.67 -19.10 -3.86
CA GLU B 200 13.45 -19.77 -2.60
C GLU B 200 11.97 -19.78 -2.10
N SER B 201 11.29 -18.68 -2.36
CA SER B 201 9.86 -18.55 -2.00
C SER B 201 9.04 -19.37 -2.94
N LEU B 202 9.39 -19.34 -4.23
CA LEU B 202 8.67 -20.14 -5.21
C LEU B 202 8.82 -21.62 -4.93
N THR B 203 9.99 -22.00 -4.44
CA THR B 203 10.25 -23.39 -4.06
C THR B 203 9.33 -23.84 -2.91
N ALA B 204 9.31 -23.04 -1.87
CA ALA B 204 8.51 -23.35 -0.67
C ALA B 204 7.01 -23.39 -1.00
N THR B 205 6.55 -22.40 -1.72
CA THR B 205 5.13 -22.32 -2.12
C THR B 205 4.68 -23.58 -2.83
N ARG B 206 5.54 -24.11 -3.70
CA ARG B 206 5.22 -25.31 -4.43
C ARG B 206 5.17 -26.50 -3.50
N ALA B 207 6.14 -26.57 -2.60
CA ALA B 207 6.22 -27.66 -1.65
C ALA B 207 4.98 -27.69 -0.75
N MET B 208 4.63 -26.51 -0.24
CA MET B 208 3.44 -26.35 0.61
C MET B 208 2.24 -26.94 -0.08
N GLY B 209 2.09 -26.61 -1.36
CA GLY B 209 0.96 -27.08 -2.12
C GLY B 209 0.94 -28.55 -2.40
N LYS B 210 2.03 -29.09 -2.84
CA LYS B 210 2.11 -30.50 -3.09
C LYS B 210 1.95 -31.39 -1.84
N SER B 211 2.34 -30.92 -0.67
CA SER B 211 2.33 -31.68 0.56
C SER B 211 0.92 -32.07 0.97
N PHE B 212 0.00 -31.33 0.44
CA PHE B 212 -1.42 -31.57 0.69
C PHE B 212 -1.91 -32.79 -0.06
N ALA B 213 -1.15 -33.25 -1.04
CA ALA B 213 -1.56 -34.41 -1.81
C ALA B 213 -0.64 -35.59 -1.52
N GLY B 214 0.16 -35.47 -0.48
CA GLY B 214 1.09 -36.53 -0.13
C GLY B 214 0.47 -37.67 0.64
N ALA B 215 1.31 -38.59 1.06
CA ALA B 215 0.89 -39.76 1.80
C ALA B 215 0.07 -39.45 3.04
N ASP B 216 0.45 -38.41 3.76
CA ASP B 216 -0.25 -38.04 4.98
C ASP B 216 -1.25 -36.92 4.71
N PHE B 217 -1.94 -37.02 3.59
CA PHE B 217 -2.92 -36.01 3.21
C PHE B 217 -4.03 -35.85 4.25
N GLU B 218 -4.38 -36.94 4.93
CA GLU B 218 -5.43 -36.90 5.95
C GLU B 218 -5.14 -35.91 7.05
N ALA B 219 -3.87 -35.62 7.31
CA ALA B 219 -3.57 -34.66 8.32
C ALA B 219 -4.15 -33.29 8.00
N GLY B 220 -4.43 -33.07 6.72
CA GLY B 220 -4.97 -31.81 6.26
C GLY B 220 -6.52 -31.74 6.34
N MET B 221 -7.17 -32.87 6.45
CA MET B 221 -8.62 -32.97 6.47
C MET B 221 -9.14 -32.81 7.92
N MET B 222 -8.86 -31.70 8.51
CA MET B 222 -9.02 -31.54 9.97
C MET B 222 -10.49 -31.47 10.40
N TRP B 223 -11.36 -31.27 9.42
CA TRP B 223 -12.82 -31.22 9.71
C TRP B 223 -13.28 -32.58 10.26
N ARG B 224 -12.46 -33.63 10.00
CA ARG B 224 -12.79 -34.98 10.52
C ARG B 224 -12.40 -35.17 11.99
N GLU B 225 -11.69 -34.22 12.56
CA GLU B 225 -11.14 -34.39 13.88
C GLU B 225 -11.46 -33.33 14.94
N VAL B 226 -11.92 -32.15 14.54
CA VAL B 226 -12.08 -31.06 15.44
C VAL B 226 -13.14 -31.26 16.55
N TYR B 227 -13.94 -32.27 16.40
CA TYR B 227 -14.90 -32.66 17.44
C TYR B 227 -14.17 -33.00 18.73
N ARG B 228 -12.87 -33.31 18.60
N ARG B 228 -12.87 -33.31 18.60
CA ARG B 228 -12.01 -33.66 19.71
CA ARG B 228 -12.02 -33.66 19.72
C ARG B 228 -11.54 -32.47 20.53
C ARG B 228 -11.55 -32.46 20.53
N LEU B 229 -11.64 -31.27 19.96
CA LEU B 229 -11.21 -30.07 20.64
C LEU B 229 -12.10 -29.75 21.91
N ARG B 230 -11.41 -29.40 22.99
CA ARG B 230 -12.07 -29.14 24.28
C ARG B 230 -12.04 -27.71 24.71
N GLN B 231 -11.32 -26.86 24.01
CA GLN B 231 -11.24 -25.45 24.40
C GLN B 231 -12.25 -24.59 23.62
N PRO B 232 -12.58 -23.38 24.13
CA PRO B 232 -13.39 -22.44 23.36
C PRO B 232 -12.63 -22.08 22.06
N VAL B 233 -13.37 -21.98 20.96
CA VAL B 233 -12.79 -21.64 19.63
C VAL B 233 -13.64 -20.57 18.98
N LEU B 234 -13.05 -19.43 18.70
CA LEU B 234 -13.76 -18.34 17.99
C LEU B 234 -13.42 -18.40 16.49
N LEU B 235 -14.38 -18.82 15.66
CA LEU B 235 -14.21 -18.78 14.21
C LEU B 235 -14.60 -17.38 13.76
N ILE B 236 -13.75 -16.73 12.94
CA ILE B 236 -14.09 -15.40 12.40
C ILE B 236 -14.03 -15.46 10.88
N TRP B 237 -15.07 -14.98 10.21
CA TRP B 237 -15.13 -15.12 8.74
C TRP B 237 -15.53 -13.82 8.12
N GLY B 238 -14.94 -13.49 6.97
CA GLY B 238 -15.51 -12.46 6.12
C GLY B 238 -16.56 -13.04 5.26
N ARG B 239 -17.76 -12.39 5.20
CA ARG B 239 -18.85 -12.96 4.41
C ARG B 239 -18.48 -13.15 2.94
N GLU B 240 -17.68 -12.24 2.40
CA GLU B 240 -17.25 -12.32 1.01
C GLU B 240 -15.87 -12.99 0.80
N ASP B 241 -15.52 -13.90 1.71
CA ASP B 241 -14.21 -14.64 1.56
C ASP B 241 -14.26 -15.51 0.31
N ARG B 242 -13.33 -15.25 -0.61
CA ARG B 242 -13.30 -15.98 -1.90
C ARG B 242 -12.18 -17.06 -1.94
N VAL B 243 -11.38 -17.13 -0.88
CA VAL B 243 -10.37 -18.22 -0.78
C VAL B 243 -10.85 -19.44 -0.03
N ASN B 244 -11.29 -19.20 1.24
CA ASN B 244 -11.92 -20.21 2.07
C ASN B 244 -13.36 -19.60 2.39
N PRO B 245 -14.33 -19.92 1.54
CA PRO B 245 -15.65 -19.21 1.63
C PRO B 245 -16.42 -19.62 2.90
N LEU B 246 -17.45 -18.82 3.22
CA LEU B 246 -18.18 -19.00 4.48
C LEU B 246 -18.81 -20.39 4.69
N ASP B 247 -19.22 -21.08 3.61
CA ASP B 247 -19.75 -22.43 3.76
C ASP B 247 -18.76 -23.40 4.39
N GLY B 248 -17.50 -23.04 4.40
CA GLY B 248 -16.44 -23.87 4.99
C GLY B 248 -16.47 -23.87 6.51
N ALA B 249 -17.23 -22.94 7.09
CA ALA B 249 -17.30 -22.81 8.58
C ALA B 249 -18.18 -23.85 9.25
N LEU B 250 -19.01 -24.52 8.48
CA LEU B 250 -20.24 -25.21 9.04
C LEU B 250 -19.87 -26.48 9.85
N VAL B 251 -19.02 -27.32 9.29
CA VAL B 251 -18.70 -28.59 10.02
C VAL B 251 -18.05 -28.26 11.34
N ALA B 252 -17.11 -27.30 11.36
CA ALA B 252 -16.43 -26.92 12.58
C ALA B 252 -17.35 -26.21 13.62
N LEU B 253 -18.21 -25.34 13.14
CA LEU B 253 -19.19 -24.72 14.07
C LEU B 253 -20.02 -25.81 14.73
N LYS B 254 -20.45 -26.79 13.95
CA LYS B 254 -21.34 -27.85 14.46
C LYS B 254 -20.67 -28.81 15.46
N THR B 255 -19.42 -29.22 15.14
CA THR B 255 -18.77 -30.29 15.86
C THR B 255 -17.84 -29.87 16.99
N ILE B 256 -17.33 -28.65 16.96
CA ILE B 256 -16.54 -28.14 18.08
C ILE B 256 -17.46 -27.71 19.27
N PRO B 257 -17.43 -28.48 20.37
CA PRO B 257 -18.38 -28.25 21.46
C PRO B 257 -18.44 -26.81 21.93
N ARG B 258 -17.29 -26.18 22.14
CA ARG B 258 -17.31 -24.79 22.65
C ARG B 258 -17.03 -23.74 21.57
N ALA B 259 -17.51 -24.01 20.37
CA ALA B 259 -17.35 -23.09 19.24
C ALA B 259 -18.27 -21.85 19.32
N GLN B 260 -17.76 -20.74 18.79
CA GLN B 260 -18.53 -19.55 18.43
C GLN B 260 -18.16 -19.16 17.04
N LEU B 261 -19.03 -18.42 16.34
CA LEU B 261 -18.71 -17.93 15.00
C LEU B 261 -19.10 -16.44 14.87
N HIS B 262 -18.19 -15.61 14.37
CA HIS B 262 -18.54 -14.23 14.02
C HIS B 262 -18.31 -14.01 12.53
N VAL B 263 -19.32 -13.49 11.83
CA VAL B 263 -19.18 -13.20 10.40
C VAL B 263 -19.33 -11.73 10.18
N PHE B 264 -18.39 -11.10 9.46
CA PHE B 264 -18.50 -9.69 9.10
C PHE B 264 -18.93 -9.55 7.68
N GLY B 265 -20.06 -8.83 7.45
CA GLY B 265 -20.42 -8.44 6.11
C GLY B 265 -19.47 -7.34 5.56
N GLN B 266 -19.33 -7.30 4.25
CA GLN B 266 -18.40 -6.35 3.59
C GLN B 266 -16.96 -6.56 4.01
N CYS B 267 -16.51 -7.81 3.90
CA CYS B 267 -15.16 -8.19 4.37
C CYS B 267 -14.75 -9.44 3.64
N GLY B 268 -13.53 -9.45 3.10
CA GLY B 268 -13.00 -10.62 2.42
C GLY B 268 -12.15 -11.50 3.30
N HIS B 269 -11.20 -12.22 2.68
CA HIS B 269 -10.32 -13.19 3.32
C HIS B 269 -9.33 -12.60 4.34
N TRP B 270 -8.99 -11.31 4.20
CA TRP B 270 -8.10 -10.65 5.14
C TRP B 270 -8.87 -9.93 6.26
N VAL B 271 -9.50 -10.72 7.09
CA VAL B 271 -10.31 -10.15 8.19
C VAL B 271 -9.53 -9.19 9.04
N GLN B 272 -8.27 -9.53 9.34
CA GLN B 272 -7.47 -8.73 10.25
C GLN B 272 -7.13 -7.37 9.64
N VAL B 273 -7.26 -7.24 8.32
CA VAL B 273 -7.01 -5.98 7.65
C VAL B 273 -8.30 -5.16 7.45
N GLU B 274 -9.31 -5.75 6.82
CA GLU B 274 -10.48 -5.02 6.42
C GLU B 274 -11.39 -4.67 7.60
N LYS B 275 -11.30 -5.45 8.66
CA LYS B 275 -12.08 -5.19 9.87
C LYS B 275 -11.18 -5.16 11.07
N PHE B 276 -10.04 -4.41 10.96
CA PHE B 276 -8.99 -4.53 11.97
C PHE B 276 -9.42 -4.15 13.42
N ASP B 277 -10.32 -3.10 13.52
N ASP B 277 -10.26 -3.16 13.54
CA ASP B 277 -10.73 -2.65 14.84
CA ASP B 277 -10.66 -2.73 14.87
C ASP B 277 -11.72 -3.64 15.50
C ASP B 277 -11.65 -3.71 15.53
N GLU B 278 -12.62 -4.06 14.73
CA GLU B 278 -13.60 -5.08 15.25
C GLU B 278 -12.91 -6.37 15.56
N PHE B 279 -11.95 -6.80 14.71
CA PHE B 279 -11.18 -8.01 14.95
C PHE B 279 -10.34 -7.90 16.22
N ASN B 280 -9.66 -6.76 16.39
CA ASN B 280 -8.81 -6.55 17.56
C ASN B 280 -9.61 -6.58 18.85
N LYS B 281 -10.76 -5.93 18.84
CA LYS B 281 -11.60 -5.91 20.04
C LYS B 281 -12.19 -7.28 20.35
N LEU B 282 -12.61 -8.00 19.32
CA LEU B 282 -13.18 -9.36 19.49
C LEU B 282 -12.15 -10.35 20.04
N THR B 283 -10.89 -10.19 19.59
CA THR B 283 -9.79 -11.04 20.03
C THR B 283 -9.40 -10.73 21.49
N ILE B 284 -9.28 -9.44 21.82
CA ILE B 284 -8.88 -9.07 23.17
C ILE B 284 -9.90 -9.56 24.20
N GLU B 285 -11.17 -9.46 23.86
CA GLU B 285 -12.26 -9.90 24.73
C GLU B 285 -12.24 -11.40 24.91
N PHE B 286 -12.21 -12.11 23.79
CA PHE B 286 -12.23 -13.58 23.81
C PHE B 286 -11.07 -14.17 24.61
N LEU B 287 -9.89 -13.57 24.49
CA LEU B 287 -8.69 -14.09 25.17
C LEU B 287 -8.55 -13.53 26.59
N GLY B 288 -9.54 -12.79 27.04
CA GLY B 288 -9.60 -12.33 28.42
C GLY B 288 -8.70 -11.17 28.77
C1 GOL C . 2.12 -0.89 -11.35
O1 GOL C . 3.14 0.06 -11.18
C2 GOL C . 1.33 -0.62 -12.61
O2 GOL C . 1.88 -1.34 -13.70
C3 GOL C . -0.11 -1.06 -12.39
O3 GOL C . -0.68 -0.33 -11.33
S SCN D . 0.28 26.32 -31.79
C SCN D . 1.99 26.63 -31.40
N SCN D . 3.16 26.93 -31.12
C01 KEM E . -3.83 -18.27 0.13
C02 KEM E . -4.31 -18.37 1.58
C03 KEM E . -4.32 -17.05 2.36
C04 KEM E . -3.31 -16.20 2.13
C05 KEM E . -3.11 -14.89 2.91
O06 KEM E . -3.59 -14.82 3.97
C07 KEM E . -2.28 -13.72 2.32
O08 KEM E . -2.02 -13.56 0.96
O09 KEM E . -1.48 -13.20 2.98
C10 KEM E . -3.73 -19.55 2.34
O11 KEM E . -3.35 -19.28 3.40
C12 KEM E . -3.11 -20.69 1.45
C13 KEM E . -3.94 -21.34 0.27
C14 KEM E . -3.36 -22.77 0.03
C15 KEM E . -3.81 -23.71 -1.17
C16 KEM E . -2.74 -23.77 -2.30
C17 KEM E . -2.91 -25.11 -3.02
C18 KEM E . -3.36 -26.10 -1.95
O19 KEM E . -3.72 -27.21 -2.11
C20 KEM E . -3.89 -25.25 -0.80
C21 KEM E . -5.30 -25.79 -0.42
C22 KEM E . -3.06 -25.55 0.42
C23 KEM E . -3.89 -24.87 1.49
C24 KEM E . -3.59 -23.40 1.37
O25 KEM E . -3.75 -22.72 2.30
C1 GOL F . 20.09 -17.79 17.12
O1 GOL F . 19.49 -16.81 17.95
C2 GOL F . 19.51 -17.72 15.73
O2 GOL F . 20.15 -16.71 14.98
C3 GOL F . 19.63 -19.07 15.05
O3 GOL F . 20.42 -19.92 15.84
#